data_1A0G
#
_entry.id   1A0G
#
_cell.length_a   77.340
_cell.length_b   91.760
_cell.length_c   88.690
_cell.angle_alpha   90.00
_cell.angle_beta   90.00
_cell.angle_gamma   90.00
#
_symmetry.space_group_name_H-M   'P 21 21 21'
#
loop_
_entity.id
_entity.type
_entity.pdbx_description
1 polymer 'D-AMINO ACID AMINOTRANSFERASE'
2 non-polymer "4'-DEOXY-4'-AMINOPYRIDOXAL-5'-PHOSPHATE"
3 water water
#
_entity_poly.entity_id   1
_entity_poly.type   'polypeptide(L)'
_entity_poly.pdbx_seq_one_letter_code
;GYTLWNDQIVKDEEVKIDKEDRGYQFGDGVYEVVKVYNGEMFTVNEHIDRLYASAEKIRITIPYTKDKFHQLLHELVEKN
ELNTGHIYFQVTRGTSPRAHQFPENTVKPVIIGYTKENPRPLENLEKGVKATFVEDIRWLRCDIKSLNLLGAVLAKQEAH
EKGCYEAILHRNNTVTEGSSSNVFGIKDGILYTHPANNMIAKGITRDVVIACANEINMPVKEIPFTTHEALKMDELFVTS
TTSEITPVIEIDGKLIRDGKVGEWTRKLQKQFETKIPKPLHI
;
_entity_poly.pdbx_strand_id   A,B
#
loop_
_chem_comp.id
_chem_comp.type
_chem_comp.name
_chem_comp.formula
PMP non-polymer 4'-DEOXY-4'-AMINOPYRIDOXAL-5'-PHOSPHATE 'C8 H13 N2 O5 P'
#
# COMPACT_ATOMS: atom_id res chain seq x y z
N GLY A 1 23.71 -13.85 -8.90
CA GLY A 1 23.49 -14.61 -7.64
C GLY A 1 22.33 -15.56 -7.80
N TYR A 2 21.82 -16.06 -6.69
CA TYR A 2 20.68 -16.98 -6.64
C TYR A 2 19.54 -16.36 -5.83
N THR A 3 18.33 -16.70 -6.24
CA THR A 3 17.12 -16.23 -5.59
C THR A 3 16.28 -17.42 -5.17
N LEU A 4 15.58 -17.26 -4.06
CA LEU A 4 14.67 -18.27 -3.55
C LEU A 4 13.33 -17.92 -4.22
N TRP A 5 12.83 -18.82 -5.05
CA TRP A 5 11.59 -18.63 -5.75
C TRP A 5 10.73 -19.81 -5.35
N ASN A 6 9.84 -19.57 -4.38
CA ASN A 6 8.95 -20.57 -3.81
C ASN A 6 9.82 -21.50 -2.97
N ASP A 7 9.97 -22.77 -3.32
CA ASP A 7 10.84 -23.64 -2.54
C ASP A 7 12.09 -24.07 -3.33
N GLN A 8 12.43 -23.30 -4.35
CA GLN A 8 13.56 -23.63 -5.18
C GLN A 8 14.57 -22.50 -5.17
N ILE A 9 15.84 -22.86 -5.28
CA ILE A 9 16.86 -21.85 -5.35
C ILE A 9 17.24 -21.81 -6.83
N VAL A 10 16.96 -20.67 -7.45
CA VAL A 10 17.21 -20.51 -8.88
C VAL A 10 18.11 -19.32 -9.15
N LYS A 11 18.71 -19.26 -10.33
CA LYS A 11 19.57 -18.14 -10.69
C LYS A 11 18.67 -16.94 -10.89
N ASP A 12 19.12 -15.77 -10.45
CA ASP A 12 18.35 -14.53 -10.55
C ASP A 12 17.61 -14.36 -11.87
N GLU A 13 18.33 -14.60 -12.95
CA GLU A 13 17.84 -14.45 -14.32
C GLU A 13 16.57 -15.22 -14.65
N GLU A 14 16.35 -16.33 -13.97
CA GLU A 14 15.20 -17.16 -14.24
C GLU A 14 13.90 -16.73 -13.56
N VAL A 15 13.99 -15.85 -12.56
CA VAL A 15 12.81 -15.42 -11.81
C VAL A 15 11.93 -14.45 -12.61
N LYS A 16 10.65 -14.78 -12.70
CA LYS A 16 9.72 -13.92 -13.43
C LYS A 16 8.48 -13.64 -12.59
N ILE A 17 8.14 -12.36 -12.46
CA ILE A 17 6.98 -11.94 -11.70
C ILE A 17 5.82 -11.73 -12.69
N ASP A 18 4.70 -12.36 -12.41
CA ASP A 18 3.51 -12.26 -13.25
C ASP A 18 2.86 -10.90 -13.05
N LYS A 19 2.39 -10.27 -14.13
CA LYS A 19 1.74 -8.97 -14.02
C LYS A 19 0.54 -8.98 -13.08
N GLU A 20 -0.07 -10.14 -12.88
CA GLU A 20 -1.23 -10.23 -12.00
C GLU A 20 -0.92 -10.85 -10.63
N ASP A 21 0.32 -10.72 -10.19
CA ASP A 21 0.69 -11.19 -8.87
C ASP A 21 0.03 -10.13 -7.98
N ARG A 22 -0.74 -10.54 -6.99
CA ARG A 22 -1.44 -9.59 -6.11
C ARG A 22 -0.46 -8.65 -5.38
N GLY A 23 0.80 -9.08 -5.23
CA GLY A 23 1.77 -8.25 -4.59
C GLY A 23 2.08 -7.07 -5.47
N TYR A 24 1.94 -7.29 -6.78
CA TYR A 24 2.21 -6.25 -7.76
C TYR A 24 1.08 -5.25 -7.99
N GLN A 25 -0.15 -5.74 -7.94
CA GLN A 25 -1.33 -4.93 -8.17
C GLN A 25 -1.98 -4.34 -6.92
N PHE A 26 -1.75 -4.94 -5.75
CA PHE A 26 -2.39 -4.44 -4.53
C PHE A 26 -1.44 -4.28 -3.33
N GLY A 27 -0.17 -4.65 -3.51
CA GLY A 27 0.77 -4.63 -2.41
C GLY A 27 0.33 -5.69 -1.41
N ASP A 28 -0.38 -6.69 -1.92
CA ASP A 28 -0.93 -7.76 -1.10
C ASP A 28 0.05 -8.85 -0.67
N GLY A 29 0.90 -8.50 0.29
CA GLY A 29 1.87 -9.45 0.78
C GLY A 29 2.62 -8.90 1.98
N VAL A 30 3.50 -9.73 2.55
CA VAL A 30 4.27 -9.32 3.73
C VAL A 30 5.76 -9.61 3.51
N TYR A 31 6.64 -8.97 4.26
CA TYR A 31 8.08 -9.17 4.08
C TYR A 31 8.89 -9.11 5.39
N GLU A 32 10.14 -9.57 5.32
CA GLU A 32 11.09 -9.57 6.43
C GLU A 32 12.49 -9.28 5.88
N VAL A 33 13.36 -8.77 6.74
CA VAL A 33 14.77 -8.49 6.40
C VAL A 33 15.54 -9.10 7.57
N VAL A 34 16.44 -10.03 7.26
CA VAL A 34 17.26 -10.70 8.27
C VAL A 34 18.73 -10.33 8.08
N LYS A 35 19.37 -9.84 9.14
CA LYS A 35 20.79 -9.50 9.05
C LYS A 35 21.66 -10.74 9.19
N VAL A 36 22.72 -10.81 8.40
CA VAL A 36 23.66 -11.93 8.47
C VAL A 36 25.02 -11.35 8.87
N TYR A 37 25.67 -12.00 9.81
CA TYR A 37 26.96 -11.55 10.31
C TYR A 37 27.95 -12.68 10.18
N ASN A 38 28.95 -12.51 9.32
CA ASN A 38 29.98 -13.52 9.09
C ASN A 38 29.35 -14.88 8.81
N GLY A 39 28.37 -14.90 7.90
CA GLY A 39 27.71 -16.16 7.56
C GLY A 39 26.62 -16.65 8.47
N GLU A 40 26.42 -16.00 9.62
CA GLU A 40 25.37 -16.43 10.55
C GLU A 40 24.17 -15.48 10.55
N MET A 41 22.98 -16.06 10.49
CA MET A 41 21.75 -15.28 10.49
C MET A 41 21.40 -14.85 11.91
N PHE A 42 21.21 -13.55 12.09
CA PHE A 42 20.90 -13.00 13.41
C PHE A 42 19.39 -13.01 13.70
N THR A 43 18.99 -13.56 14.84
CA THR A 43 17.59 -13.64 15.27
C THR A 43 16.62 -14.08 14.18
N VAL A 44 17.02 -15.11 13.43
CA VAL A 44 16.22 -15.62 12.35
C VAL A 44 14.87 -16.18 12.77
N ASN A 45 14.83 -16.90 13.89
CA ASN A 45 13.56 -17.46 14.34
C ASN A 45 12.56 -16.36 14.65
N GLU A 46 13.04 -15.24 15.14
CA GLU A 46 12.17 -14.14 15.47
C GLU A 46 11.58 -13.51 14.22
N HIS A 47 12.39 -13.36 13.18
CA HIS A 47 11.89 -12.78 11.94
C HIS A 47 10.94 -13.75 11.24
N ILE A 48 11.20 -15.04 11.37
CA ILE A 48 10.36 -16.06 10.77
C ILE A 48 9.02 -16.10 11.48
N ASP A 49 9.04 -16.02 12.80
CA ASP A 49 7.80 -15.99 13.59
C ASP A 49 7.01 -14.76 13.16
N ARG A 50 7.68 -13.63 13.05
CA ARG A 50 6.98 -12.43 12.66
C ARG A 50 6.45 -12.49 11.23
N LEU A 51 7.14 -13.16 10.32
CA LEU A 51 6.65 -13.27 8.94
C LEU A 51 5.31 -14.00 8.94
N TYR A 52 5.25 -15.11 9.68
CA TYR A 52 4.03 -15.89 9.75
C TYR A 52 2.91 -15.15 10.45
N ALA A 53 3.26 -14.32 11.44
CA ALA A 53 2.25 -13.54 12.16
C ALA A 53 1.68 -12.49 11.22
N SER A 54 2.53 -11.82 10.46
CA SER A 54 2.10 -10.80 9.51
C SER A 54 1.20 -11.44 8.46
N ALA A 55 1.59 -12.59 7.94
CA ALA A 55 0.79 -13.28 6.93
C ALA A 55 -0.57 -13.66 7.51
N GLU A 56 -0.57 -14.18 8.72
CA GLU A 56 -1.80 -14.59 9.38
C GLU A 56 -2.75 -13.41 9.57
N LYS A 57 -2.21 -12.23 9.86
CA LYS A 57 -3.04 -11.05 10.06
C LYS A 57 -3.84 -10.63 8.82
N ILE A 58 -3.34 -10.93 7.63
CA ILE A 58 -4.06 -10.61 6.40
C ILE A 58 -4.52 -11.88 5.70
N ARG A 59 -4.51 -12.95 6.48
CA ARG A 59 -4.95 -14.29 6.08
C ARG A 59 -4.30 -14.98 4.89
N ILE A 60 -2.98 -14.90 4.84
CA ILE A 60 -2.22 -15.56 3.81
C ILE A 60 -1.72 -16.82 4.53
N THR A 61 -1.97 -17.99 3.96
CA THR A 61 -1.48 -19.23 4.59
C THR A 61 -0.21 -19.67 3.89
N ILE A 62 0.92 -19.60 4.59
CA ILE A 62 2.19 -19.99 4.00
C ILE A 62 2.24 -21.50 3.90
N PRO A 63 2.39 -22.03 2.66
CA PRO A 63 2.44 -23.47 2.39
C PRO A 63 3.56 -24.29 3.03
N TYR A 64 4.55 -23.65 3.63
CA TYR A 64 5.65 -24.40 4.27
C TYR A 64 5.66 -24.18 5.77
N THR A 65 6.21 -25.13 6.52
CA THR A 65 6.30 -24.96 7.96
C THR A 65 7.50 -24.04 8.19
N LYS A 66 7.67 -23.59 9.42
CA LYS A 66 8.78 -22.71 9.77
C LYS A 66 10.12 -23.41 9.63
N ASP A 67 10.14 -24.71 9.87
CA ASP A 67 11.36 -25.51 9.75
C ASP A 67 11.86 -25.57 8.31
N LYS A 68 10.94 -25.75 7.36
CA LYS A 68 11.31 -25.80 5.95
C LYS A 68 11.81 -24.42 5.52
N PHE A 69 11.07 -23.39 5.92
CA PHE A 69 11.41 -22.01 5.57
C PHE A 69 12.78 -21.66 6.12
N HIS A 70 13.06 -22.13 7.32
CA HIS A 70 14.35 -21.88 7.94
C HIS A 70 15.42 -22.55 7.09
N GLN A 71 15.19 -23.80 6.74
CA GLN A 71 16.14 -24.57 5.93
C GLN A 71 16.41 -23.93 4.59
N LEU A 72 15.37 -23.37 3.98
CA LEU A 72 15.53 -22.71 2.69
C LEU A 72 16.38 -21.45 2.78
N LEU A 73 16.21 -20.67 3.84
CA LEU A 73 16.99 -19.44 4.03
C LEU A 73 18.47 -19.76 4.16
N HIS A 74 18.78 -20.84 4.86
CA HIS A 74 20.16 -21.26 5.04
C HIS A 74 20.80 -21.59 3.70
N GLU A 75 20.07 -22.35 2.88
CA GLU A 75 20.55 -22.74 1.56
C GLU A 75 20.82 -21.51 0.72
N LEU A 76 19.95 -20.51 0.83
CA LEU A 76 20.10 -19.27 0.07
C LEU A 76 21.41 -18.54 0.44
N VAL A 77 21.69 -18.42 1.73
CA VAL A 77 22.88 -17.76 2.24
C VAL A 77 24.14 -18.49 1.79
N GLU A 78 24.09 -19.81 1.89
CA GLU A 78 25.17 -20.69 1.51
C GLU A 78 25.48 -20.62 0.02
N LYS A 79 24.45 -20.77 -0.82
CA LYS A 79 24.62 -20.72 -2.26
C LYS A 79 25.15 -19.39 -2.76
N ASN A 80 24.76 -18.30 -2.09
CA ASN A 80 25.23 -16.97 -2.48
C ASN A 80 26.53 -16.56 -1.78
N GLU A 81 26.99 -17.40 -0.84
CA GLU A 81 28.22 -17.17 -0.08
C GLU A 81 28.18 -15.80 0.59
N LEU A 82 27.12 -15.57 1.35
CA LEU A 82 26.93 -14.30 2.03
C LEU A 82 27.72 -14.27 3.33
N ASN A 83 28.57 -13.26 3.45
CA ASN A 83 29.35 -13.10 4.67
C ASN A 83 28.59 -12.14 5.57
N THR A 84 28.59 -10.86 5.24
CA THR A 84 27.87 -9.89 6.03
C THR A 84 26.97 -9.04 5.14
N GLY A 85 25.69 -9.07 5.46
CA GLY A 85 24.70 -8.31 4.71
C GLY A 85 23.34 -8.70 5.22
N HIS A 86 22.38 -8.84 4.31
CA HIS A 86 21.04 -9.22 4.73
C HIS A 86 20.28 -10.03 3.69
N ILE A 87 19.26 -10.74 4.15
CA ILE A 87 18.40 -11.54 3.31
C ILE A 87 17.09 -10.77 3.29
N TYR A 88 16.50 -10.59 2.11
CA TYR A 88 15.20 -9.94 2.01
C TYR A 88 14.26 -11.02 1.50
N PHE A 89 13.11 -11.19 2.13
CA PHE A 89 12.15 -12.17 1.64
C PHE A 89 10.73 -11.70 1.85
N GLN A 90 9.85 -12.09 0.94
CA GLN A 90 8.46 -11.68 0.99
C GLN A 90 7.52 -12.79 0.51
N VAL A 91 6.24 -12.66 0.84
CA VAL A 91 5.24 -13.62 0.42
C VAL A 91 4.03 -12.83 -0.03
N THR A 92 3.48 -13.14 -1.20
CA THR A 92 2.30 -12.46 -1.69
C THR A 92 1.20 -13.51 -1.73
N ARG A 93 -0.06 -13.07 -1.76
CA ARG A 93 -1.19 -14.00 -1.78
C ARG A 93 -1.21 -14.88 -3.05
N GLY A 94 -0.50 -14.46 -4.07
CA GLY A 94 -0.45 -15.25 -5.29
C GLY A 94 -0.90 -14.54 -6.54
N THR A 95 -0.99 -15.29 -7.63
CA THR A 95 -1.40 -14.77 -8.93
C THR A 95 -2.84 -15.15 -9.20
N SER A 96 -3.63 -14.18 -9.60
CA SER A 96 -5.04 -14.43 -9.87
C SER A 96 -5.57 -13.28 -10.71
N PRO A 97 -6.65 -13.51 -11.47
CA PRO A 97 -7.20 -12.41 -12.29
C PRO A 97 -7.60 -11.30 -11.32
N ARG A 98 -7.20 -10.07 -11.63
CA ARG A 98 -7.44 -8.92 -10.78
C ARG A 98 -8.84 -8.76 -10.21
N ALA A 99 -8.92 -8.84 -8.88
CA ALA A 99 -10.18 -8.68 -8.14
C ALA A 99 -9.73 -8.35 -6.72
N HIS A 100 -10.40 -7.39 -6.07
CA HIS A 100 -10.03 -7.00 -4.71
C HIS A 100 -10.16 -8.12 -3.66
N GLN A 101 -11.26 -8.86 -3.68
CA GLN A 101 -11.45 -9.94 -2.72
C GLN A 101 -10.48 -11.11 -2.95
N PHE A 102 -10.31 -11.93 -1.92
CA PHE A 102 -9.39 -13.07 -1.99
C PHE A 102 -9.73 -14.02 -3.14
N PRO A 103 -8.70 -14.64 -3.76
CA PRO A 103 -8.88 -15.59 -4.86
C PRO A 103 -9.42 -16.89 -4.25
N GLU A 104 -9.54 -17.92 -5.10
CA GLU A 104 -10.01 -19.24 -4.65
C GLU A 104 -8.84 -19.77 -3.84
N ASN A 105 -9.12 -20.34 -2.67
CA ASN A 105 -8.09 -20.88 -1.77
C ASN A 105 -7.11 -21.87 -2.41
N THR A 106 -7.31 -22.17 -3.67
CA THR A 106 -6.45 -23.05 -4.45
C THR A 106 -5.21 -22.29 -4.92
N VAL A 107 -5.27 -20.97 -5.02
CA VAL A 107 -4.16 -20.15 -5.46
C VAL A 107 -2.97 -20.22 -4.46
N LYS A 108 -1.75 -20.48 -4.94
CA LYS A 108 -0.62 -20.57 -4.06
C LYS A 108 0.10 -19.25 -3.94
N PRO A 109 0.68 -18.97 -2.76
CA PRO A 109 1.42 -17.78 -2.39
C PRO A 109 2.70 -17.79 -3.21
N VAL A 110 3.23 -16.63 -3.59
CA VAL A 110 4.51 -16.56 -4.31
C VAL A 110 5.56 -16.02 -3.33
N ILE A 111 6.63 -16.80 -3.17
CA ILE A 111 7.71 -16.44 -2.23
C ILE A 111 8.99 -16.07 -2.95
N ILE A 112 9.50 -14.89 -2.63
CA ILE A 112 10.70 -14.37 -3.22
C ILE A 112 11.67 -14.01 -2.11
N GLY A 113 12.92 -14.42 -2.27
CA GLY A 113 13.93 -14.09 -1.29
C GLY A 113 15.26 -13.97 -1.97
N TYR A 114 16.07 -13.01 -1.57
CA TYR A 114 17.39 -12.84 -2.14
C TYR A 114 18.30 -12.19 -1.13
N THR A 115 19.61 -12.24 -1.40
CA THR A 115 20.59 -11.69 -0.49
C THR A 115 21.29 -10.46 -1.04
N LYS A 116 22.01 -9.77 -0.15
CA LYS A 116 22.79 -8.59 -0.51
C LYS A 116 23.91 -8.37 0.51
N GLU A 117 25.15 -8.30 0.05
CA GLU A 117 26.31 -8.05 0.93
C GLU A 117 26.17 -6.60 1.34
N ASN A 118 26.30 -6.31 2.63
CA ASN A 118 26.17 -4.93 3.09
C ASN A 118 26.81 -4.85 4.47
N PRO A 119 27.90 -4.08 4.60
CA PRO A 119 28.60 -3.91 5.86
C PRO A 119 27.84 -3.12 6.92
N ARG A 120 28.22 -3.32 8.19
CA ARG A 120 27.59 -2.61 9.28
C ARG A 120 27.83 -1.12 9.09
N PRO A 121 26.88 -0.28 9.51
CA PRO A 121 27.05 1.16 9.37
C PRO A 121 27.90 1.68 10.54
N LEU A 122 29.16 1.24 10.59
CA LEU A 122 30.09 1.62 11.65
C LEU A 122 30.24 3.14 11.82
N GLU A 123 30.33 3.86 10.71
CA GLU A 123 30.47 5.31 10.76
C GLU A 123 29.28 5.97 11.48
N ASN A 124 28.06 5.48 11.22
CA ASN A 124 26.87 6.04 11.85
C ASN A 124 26.68 5.60 13.28
N LEU A 125 27.11 4.38 13.61
CA LEU A 125 26.99 3.88 14.97
C LEU A 125 27.87 4.66 15.94
N GLU A 126 28.97 5.18 15.42
CA GLU A 126 29.91 5.95 16.22
C GLU A 126 29.56 7.44 16.26
N LYS A 127 29.36 8.02 15.09
CA LYS A 127 29.07 9.46 14.95
C LYS A 127 27.63 9.92 15.19
N GLY A 128 26.65 9.07 14.89
CA GLY A 128 25.27 9.48 15.06
C GLY A 128 24.73 10.09 13.78
N VAL A 129 23.41 10.29 13.69
CA VAL A 129 22.86 10.85 12.48
C VAL A 129 21.90 12.00 12.72
N LYS A 130 21.44 12.59 11.62
CA LYS A 130 20.49 13.67 11.64
C LYS A 130 19.14 13.10 11.18
N ALA A 131 18.07 13.57 11.80
CA ALA A 131 16.71 13.15 11.48
C ALA A 131 15.84 14.38 11.29
N THR A 132 14.61 14.15 10.84
CA THR A 132 13.64 15.22 10.64
C THR A 132 12.26 14.68 10.98
N PHE A 133 11.35 15.55 11.37
CA PHE A 133 9.99 15.13 11.71
C PHE A 133 9.07 15.17 10.48
N VAL A 134 8.35 14.08 10.24
CA VAL A 134 7.43 14.00 9.12
C VAL A 134 6.11 13.48 9.67
N GLU A 135 5.00 14.12 9.31
CA GLU A 135 3.69 13.71 9.79
C GLU A 135 3.41 12.30 9.29
N ASP A 136 2.92 11.46 10.18
CA ASP A 136 2.62 10.07 9.88
C ASP A 136 1.21 10.01 9.27
N ILE A 137 1.14 9.77 7.97
CA ILE A 137 -0.17 9.70 7.31
C ILE A 137 -0.50 8.29 6.84
N ARG A 138 0.18 7.31 7.43
CA ARG A 138 0.00 5.93 7.06
C ARG A 138 -1.29 5.36 7.57
N TRP A 139 -1.60 4.14 7.15
CA TRP A 139 -2.83 3.52 7.58
C TRP A 139 -2.76 3.14 9.05
N LEU A 140 -3.89 2.68 9.59
CA LEU A 140 -3.97 2.33 10.99
C LEU A 140 -3.57 0.92 11.34
N ARG A 141 -2.87 0.22 10.45
CA ARG A 141 -2.45 -1.13 10.78
C ARG A 141 -0.96 -1.30 10.55
N CYS A 142 -0.18 -0.39 11.15
CA CYS A 142 1.25 -0.40 11.01
C CYS A 142 1.94 -1.60 11.67
N ASP A 143 1.20 -2.37 12.46
CA ASP A 143 1.73 -3.58 13.10
C ASP A 143 1.93 -4.71 12.07
N ILE A 144 1.31 -4.58 10.91
CA ILE A 144 1.44 -5.61 9.89
C ILE A 144 2.59 -5.20 9.00
N LYS A 145 3.58 -6.06 8.81
CA LYS A 145 4.68 -5.70 7.95
C LYS A 145 4.35 -6.02 6.49
N SER A 146 3.46 -5.23 5.90
CA SER A 146 3.04 -5.45 4.52
C SER A 146 3.81 -4.68 3.46
N LEU A 147 3.54 -4.99 2.20
CA LEU A 147 4.19 -4.33 1.07
C LEU A 147 3.61 -2.96 0.73
N ASN A 148 2.57 -2.53 1.47
CA ASN A 148 2.00 -1.21 1.24
C ASN A 148 2.96 -0.27 1.96
N LEU A 149 3.97 0.19 1.26
CA LEU A 149 4.98 1.04 1.87
C LEU A 149 5.14 2.42 1.28
N LEU A 150 4.13 2.90 0.55
CA LEU A 150 4.23 4.21 -0.07
C LEU A 150 4.37 5.34 0.94
N GLY A 151 3.77 5.19 2.12
CA GLY A 151 3.91 6.23 3.12
C GLY A 151 5.36 6.34 3.60
N ALA A 152 5.99 5.19 3.84
CA ALA A 152 7.38 5.17 4.29
C ALA A 152 8.31 5.64 3.19
N VAL A 153 7.95 5.38 1.93
CA VAL A 153 8.76 5.79 0.79
C VAL A 153 8.81 7.33 0.70
N LEU A 154 7.65 7.96 0.86
CA LEU A 154 7.56 9.42 0.79
C LEU A 154 8.25 10.11 1.97
N ALA A 155 8.20 9.47 3.14
CA ALA A 155 8.84 10.00 4.34
C ALA A 155 10.35 9.88 4.21
N LYS A 156 10.83 8.73 3.77
CA LYS A 156 12.27 8.53 3.61
C LYS A 156 12.85 9.52 2.61
N GLN A 157 12.13 9.74 1.51
CA GLN A 157 12.59 10.68 0.49
C GLN A 157 12.62 12.13 0.97
N GLU A 158 11.70 12.50 1.86
CA GLU A 158 11.66 13.86 2.39
C GLU A 158 12.90 14.07 3.28
N ALA A 159 13.20 13.06 4.08
CA ALA A 159 14.37 13.11 4.96
C ALA A 159 15.63 13.12 4.11
N HIS A 160 15.65 12.23 3.14
CA HIS A 160 16.77 12.07 2.23
C HIS A 160 17.06 13.41 1.54
N GLU A 161 16.01 14.16 1.21
CA GLU A 161 16.18 15.45 0.56
C GLU A 161 16.72 16.55 1.45
N LYS A 162 16.52 16.41 2.75
CA LYS A 162 17.02 17.42 3.68
C LYS A 162 18.39 17.00 4.21
N GLY A 163 19.00 16.01 3.59
CA GLY A 163 20.30 15.54 4.03
C GLY A 163 20.25 14.70 5.31
N CYS A 164 19.05 14.35 5.77
CA CYS A 164 18.86 13.56 6.97
C CYS A 164 18.84 12.06 6.67
N TYR A 165 19.14 11.26 7.69
CA TYR A 165 19.21 9.81 7.55
C TYR A 165 17.88 9.10 7.73
N GLU A 166 17.03 9.63 8.60
CA GLU A 166 15.75 8.99 8.87
C GLU A 166 14.69 10.02 9.15
N ALA A 167 13.47 9.67 8.82
CA ALA A 167 12.32 10.51 9.06
C ALA A 167 11.66 9.92 10.27
N ILE A 168 11.48 10.74 11.31
CA ILE A 168 10.81 10.30 12.52
C ILE A 168 9.37 10.76 12.32
N LEU A 169 8.43 9.81 12.35
CA LEU A 169 7.01 10.08 12.12
C LEU A 169 6.22 10.39 13.38
N HIS A 170 5.16 11.16 13.22
CA HIS A 170 4.32 11.53 14.35
C HIS A 170 2.85 11.67 14.00
N ARG A 171 1.98 11.19 14.90
CA ARG A 171 0.53 11.31 14.69
C ARG A 171 0.09 12.43 15.62
N ASN A 172 -0.26 13.59 15.07
CA ASN A 172 -0.70 14.73 15.86
C ASN A 172 0.30 14.99 16.98
N ASN A 173 1.54 15.15 16.56
CA ASN A 173 2.67 15.43 17.44
C ASN A 173 3.19 14.31 18.35
N THR A 174 2.49 13.17 18.42
CA THR A 174 2.95 12.04 19.22
C THR A 174 3.89 11.19 18.33
N VAL A 175 5.13 11.02 18.77
CA VAL A 175 6.10 10.24 18.00
C VAL A 175 5.70 8.78 17.95
N THR A 176 5.76 8.19 16.75
CA THR A 176 5.42 6.78 16.60
C THR A 176 6.67 5.93 16.37
N GLU A 177 7.22 5.99 15.15
CA GLU A 177 8.42 5.23 14.79
C GLU A 177 9.05 5.97 13.62
N GLY A 178 10.07 5.40 13.01
CA GLY A 178 10.69 6.05 11.87
C GLY A 178 10.15 5.41 10.61
N SER A 179 10.57 5.87 9.44
CA SER A 179 10.10 5.29 8.17
C SER A 179 10.46 3.82 8.00
N SER A 180 11.57 3.42 8.60
CA SER A 180 12.03 2.03 8.57
C SER A 180 12.72 1.66 9.88
N SER A 181 12.33 2.30 10.98
CA SER A 181 12.94 2.01 12.27
C SER A 181 12.04 2.36 13.44
N ASN A 182 12.46 1.98 14.64
CA ASN A 182 11.71 2.30 15.83
C ASN A 182 12.51 3.40 16.55
N VAL A 183 11.83 4.30 17.24
CA VAL A 183 12.49 5.42 17.90
C VAL A 183 12.50 5.24 19.41
N PHE A 184 13.64 5.53 20.01
CA PHE A 184 13.80 5.43 21.46
C PHE A 184 14.35 6.75 21.98
N GLY A 185 13.88 7.16 23.14
CA GLY A 185 14.36 8.39 23.75
C GLY A 185 14.82 8.05 25.15
N ILE A 186 15.87 8.72 25.61
CA ILE A 186 16.41 8.49 26.96
C ILE A 186 16.40 9.80 27.74
N LYS A 187 15.83 9.75 28.94
CA LYS A 187 15.76 10.88 29.84
C LYS A 187 16.04 10.37 31.26
N ASP A 188 17.09 10.90 31.89
CA ASP A 188 17.52 10.49 33.23
C ASP A 188 17.72 9.00 33.39
N GLY A 189 18.34 8.38 32.40
CA GLY A 189 18.62 6.95 32.46
C GLY A 189 17.42 6.05 32.28
N ILE A 190 16.29 6.61 31.85
CA ILE A 190 15.07 5.86 31.64
C ILE A 190 14.81 5.80 30.13
N LEU A 191 14.54 4.59 29.64
CA LEU A 191 14.33 4.39 28.21
C LEU A 191 12.86 4.51 27.82
N TYR A 192 12.57 5.39 26.87
CA TYR A 192 11.19 5.59 26.43
C TYR A 192 11.00 5.21 24.97
N THR A 193 9.87 4.57 24.67
CA THR A 193 9.53 4.19 23.31
C THR A 193 8.03 3.90 23.24
N HIS A 194 7.43 4.30 22.12
CA HIS A 194 6.00 4.14 21.88
C HIS A 194 5.64 2.66 22.03
N PRO A 195 4.50 2.36 22.70
CA PRO A 195 4.14 0.94 22.86
C PRO A 195 3.81 0.22 21.54
N ALA A 196 3.89 -1.10 21.56
CA ALA A 196 3.66 -1.93 20.37
C ALA A 196 2.20 -2.18 20.11
N ASN A 197 1.52 -1.21 19.52
CA ASN A 197 0.11 -1.39 19.19
C ASN A 197 -0.03 -1.27 17.67
N ASN A 198 -1.24 -1.01 17.18
CA ASN A 198 -1.47 -0.89 15.76
C ASN A 198 -0.77 0.27 15.08
N MET A 199 -0.18 1.16 15.89
CA MET A 199 0.49 2.36 15.39
C MET A 199 1.93 2.18 14.93
N ILE A 200 2.59 1.10 15.32
CA ILE A 200 3.96 0.90 14.90
C ILE A 200 4.24 -0.56 14.58
N ALA A 201 5.39 -0.83 13.97
CA ALA A 201 5.83 -2.18 13.70
C ALA A 201 6.54 -2.59 15.01
N LYS A 202 6.31 -3.81 15.45
CA LYS A 202 6.98 -4.29 16.65
C LYS A 202 8.33 -4.80 16.17
N GLY A 203 9.28 -3.87 16.01
CA GLY A 203 10.60 -4.24 15.55
C GLY A 203 11.29 -5.30 16.37
N ILE A 204 12.05 -6.16 15.69
CA ILE A 204 12.79 -7.21 16.36
C ILE A 204 14.02 -6.59 17.05
N THR A 205 14.60 -5.59 16.41
CA THR A 205 15.76 -4.91 16.99
C THR A 205 15.30 -4.17 18.25
N ARG A 206 14.10 -3.60 18.18
CA ARG A 206 13.47 -2.89 19.29
C ARG A 206 13.37 -3.77 20.51
N ASP A 207 12.87 -5.00 20.31
CA ASP A 207 12.71 -5.96 21.40
C ASP A 207 14.05 -6.45 21.94
N VAL A 208 15.04 -6.53 21.06
CA VAL A 208 16.37 -6.93 21.50
C VAL A 208 16.95 -5.83 22.39
N VAL A 209 16.75 -4.57 22.01
CA VAL A 209 17.23 -3.41 22.75
C VAL A 209 16.58 -3.32 24.13
N ILE A 210 15.28 -3.61 24.20
CA ILE A 210 14.54 -3.58 25.46
C ILE A 210 15.04 -4.70 26.37
N ALA A 211 15.43 -5.82 25.77
CA ALA A 211 15.97 -6.96 26.50
C ALA A 211 17.35 -6.56 27.04
N CYS A 212 18.12 -5.83 26.23
CA CYS A 212 19.45 -5.37 26.62
C CYS A 212 19.31 -4.42 27.82
N ALA A 213 18.29 -3.56 27.78
CA ALA A 213 18.00 -2.61 28.86
C ALA A 213 17.69 -3.36 30.14
N ASN A 214 16.84 -4.38 30.06
CA ASN A 214 16.52 -5.16 31.24
C ASN A 214 17.80 -5.82 31.78
N GLU A 215 18.69 -6.23 30.88
CA GLU A 215 19.95 -6.87 31.29
C GLU A 215 20.87 -5.92 32.05
N ILE A 216 20.97 -4.67 31.62
CA ILE A 216 21.82 -3.72 32.34
C ILE A 216 21.03 -2.88 33.35
N ASN A 217 19.90 -3.42 33.80
CA ASN A 217 19.03 -2.78 34.78
C ASN A 217 18.60 -1.35 34.54
N MET A 218 18.44 -0.98 33.26
CA MET A 218 17.97 0.36 32.85
C MET A 218 16.44 0.28 32.75
N PRO A 219 15.71 1.18 33.43
CA PRO A 219 14.24 1.21 33.43
C PRO A 219 13.70 1.49 32.05
N VAL A 220 12.70 0.74 31.65
CA VAL A 220 12.12 0.91 30.33
C VAL A 220 10.67 1.30 30.46
N LYS A 221 10.29 2.41 29.85
CA LYS A 221 8.91 2.85 29.89
C LYS A 221 8.37 2.90 28.46
N GLU A 222 7.37 2.09 28.18
CA GLU A 222 6.74 2.07 26.86
C GLU A 222 5.57 3.03 26.91
N ILE A 223 5.90 4.31 26.76
CA ILE A 223 4.92 5.38 26.83
C ILE A 223 5.28 6.30 25.69
N PRO A 224 4.29 6.78 24.94
CA PRO A 224 4.55 7.67 23.81
C PRO A 224 5.06 9.02 24.26
N PHE A 225 5.87 9.64 23.43
CA PHE A 225 6.36 10.97 23.73
C PHE A 225 6.16 11.87 22.52
N THR A 226 5.99 13.15 22.76
CA THR A 226 5.75 14.10 21.70
C THR A 226 7.01 14.53 20.99
N THR A 227 6.85 15.23 19.87
CA THR A 227 7.98 15.72 19.09
C THR A 227 8.77 16.71 19.95
N HIS A 228 8.04 17.47 20.75
CA HIS A 228 8.62 18.47 21.64
C HIS A 228 9.33 17.79 22.81
N GLU A 229 8.76 16.71 23.32
CA GLU A 229 9.38 16.00 24.41
C GLU A 229 10.67 15.34 23.92
N ALA A 230 10.65 14.84 22.68
CA ALA A 230 11.83 14.19 22.11
C ALA A 230 13.00 15.17 22.04
N LEU A 231 12.71 16.41 21.64
CA LEU A 231 13.74 17.43 21.55
C LEU A 231 14.33 17.79 22.93
N LYS A 232 13.68 17.37 24.00
CA LYS A 232 14.17 17.64 25.34
C LYS A 232 14.76 16.38 25.98
N MET A 233 15.00 15.35 25.17
CA MET A 233 15.57 14.11 25.67
C MET A 233 17.08 14.26 25.83
N ASP A 234 17.68 13.45 26.70
CA ASP A 234 19.12 13.45 26.92
C ASP A 234 19.77 12.74 25.74
N GLU A 235 19.15 11.65 25.32
CA GLU A 235 19.65 10.86 24.21
C GLU A 235 18.48 10.35 23.36
N LEU A 236 18.77 10.07 22.10
CA LEU A 236 17.76 9.58 21.16
C LEU A 236 18.43 8.67 20.15
N PHE A 237 17.73 7.62 19.74
CA PHE A 237 18.26 6.70 18.74
C PHE A 237 17.17 5.92 18.06
N VAL A 238 17.49 5.41 16.87
CA VAL A 238 16.55 4.58 16.12
C VAL A 238 17.17 3.20 15.94
N THR A 239 16.31 2.20 15.83
CA THR A 239 16.73 0.83 15.65
C THR A 239 16.05 0.17 14.43
N SER A 240 16.77 -0.71 13.76
CA SER A 240 16.25 -1.49 12.64
C SER A 240 17.29 -2.58 12.42
N THR A 241 16.88 -3.67 11.80
CA THR A 241 17.76 -4.79 11.51
C THR A 241 19.05 -4.33 10.85
N THR A 242 18.96 -3.34 9.99
CA THR A 242 20.12 -2.82 9.29
C THR A 242 20.81 -1.65 9.99
N SER A 243 20.07 -0.87 10.76
CA SER A 243 20.64 0.27 11.47
C SER A 243 21.19 -0.14 12.82
N GLU A 244 20.77 -1.31 13.30
CA GLU A 244 21.17 -1.77 14.63
C GLU A 244 20.78 -0.63 15.59
N ILE A 245 21.74 -0.08 16.34
CA ILE A 245 21.45 1.02 17.25
C ILE A 245 22.13 2.29 16.73
N THR A 246 21.38 3.08 15.97
CA THR A 246 21.91 4.30 15.40
C THR A 246 21.50 5.54 16.19
N PRO A 247 22.48 6.27 16.72
CA PRO A 247 22.28 7.48 17.51
C PRO A 247 21.79 8.62 16.63
N VAL A 248 20.83 9.39 17.13
CA VAL A 248 20.32 10.54 16.41
C VAL A 248 20.83 11.70 17.25
N ILE A 249 21.69 12.53 16.68
CA ILE A 249 22.25 13.65 17.42
C ILE A 249 21.61 15.00 17.09
N GLU A 250 20.89 15.06 15.98
CA GLU A 250 20.26 16.31 15.55
C GLU A 250 18.95 16.07 14.79
N ILE A 251 17.93 16.84 15.11
CA ILE A 251 16.64 16.72 14.44
C ILE A 251 16.20 18.10 14.02
N ASP A 252 16.21 18.36 12.72
CA ASP A 252 15.79 19.64 12.17
C ASP A 252 16.61 20.82 12.68
N GLY A 253 17.93 20.66 12.69
CA GLY A 253 18.79 21.73 13.15
C GLY A 253 18.96 21.84 14.65
N LYS A 254 18.02 21.31 15.42
CA LYS A 254 18.11 21.33 16.86
C LYS A 254 18.87 20.09 17.29
N LEU A 255 20.00 20.30 17.97
CA LEU A 255 20.84 19.22 18.45
C LEU A 255 20.17 18.62 19.67
N ILE A 256 20.43 17.34 19.90
CA ILE A 256 19.86 16.64 21.05
C ILE A 256 20.95 16.82 22.12
N ARG A 257 20.58 17.44 23.24
CA ARG A 257 21.52 17.72 24.33
C ARG A 257 22.73 18.47 23.75
N ASP A 258 23.85 17.80 23.55
CA ASP A 258 25.02 18.47 23.00
C ASP A 258 25.38 18.08 21.57
N GLY A 259 24.72 17.06 21.04
CA GLY A 259 25.01 16.63 19.70
C GLY A 259 26.09 15.57 19.71
N LYS A 260 26.19 14.89 20.84
CA LYS A 260 27.17 13.82 21.02
C LYS A 260 26.37 12.59 21.42
N VAL A 261 26.89 11.41 21.08
CA VAL A 261 26.21 10.17 21.42
C VAL A 261 26.26 10.04 22.93
N GLY A 262 25.10 9.89 23.55
CA GLY A 262 25.05 9.76 24.98
C GLY A 262 25.65 8.49 25.56
N GLU A 263 25.78 8.48 26.88
CA GLU A 263 26.34 7.38 27.67
C GLU A 263 25.48 6.12 27.69
N TRP A 264 24.16 6.26 27.82
CA TRP A 264 23.28 5.09 27.88
C TRP A 264 23.17 4.43 26.50
N THR A 265 23.21 5.25 25.45
CA THR A 265 23.17 4.74 24.09
C THR A 265 24.41 3.85 23.94
N ARG A 266 25.55 4.33 24.41
CA ARG A 266 26.80 3.56 24.34
C ARG A 266 26.70 2.27 25.13
N LYS A 267 26.08 2.31 26.30
CA LYS A 267 25.92 1.09 27.08
C LYS A 267 25.00 0.07 26.38
N LEU A 268 24.01 0.58 25.66
CA LEU A 268 23.09 -0.27 24.94
C LEU A 268 23.81 -0.89 23.75
N GLN A 269 24.57 -0.08 23.02
CA GLN A 269 25.34 -0.56 21.90
C GLN A 269 26.27 -1.71 22.29
N LYS A 270 26.91 -1.59 23.46
CA LYS A 270 27.83 -2.61 23.95
C LYS A 270 27.12 -3.88 24.38
N GLN A 271 25.96 -3.73 24.98
CA GLN A 271 25.22 -4.89 25.40
C GLN A 271 24.66 -5.58 24.14
N PHE A 272 24.30 -4.78 23.14
CA PHE A 272 23.76 -5.30 21.88
C PHE A 272 24.82 -6.13 21.18
N GLU A 273 26.03 -5.57 21.14
CA GLU A 273 27.21 -6.19 20.52
C GLU A 273 27.56 -7.57 21.05
N THR A 274 27.17 -7.86 22.28
CA THR A 274 27.45 -9.14 22.90
C THR A 274 26.56 -10.22 22.31
N LYS A 275 25.51 -9.79 21.62
CA LYS A 275 24.55 -10.70 21.01
C LYS A 275 24.79 -11.03 19.54
N ILE A 276 25.50 -10.16 18.83
CA ILE A 276 25.75 -10.42 17.43
C ILE A 276 26.85 -11.46 17.24
N PRO A 277 26.67 -12.35 16.26
CA PRO A 277 27.63 -13.41 15.96
C PRO A 277 28.98 -12.82 15.54
N LYS A 278 30.05 -13.36 16.10
CA LYS A 278 31.40 -12.92 15.77
C LYS A 278 32.36 -14.12 15.71
N PRO A 279 31.98 -15.20 15.01
CA PRO A 279 32.88 -16.36 14.93
C PRO A 279 34.06 -16.08 13.99
N LEU A 280 35.16 -16.78 14.23
CA LEU A 280 36.36 -16.65 13.39
C LEU A 280 36.43 -17.75 12.35
N GLY B 1 -3.40 -13.00 -24.71
CA GLY B 1 -3.67 -11.88 -25.63
C GLY B 1 -2.43 -11.01 -25.76
N TYR B 2 -2.62 -9.71 -25.77
CA TYR B 2 -1.53 -8.75 -25.89
C TYR B 2 -1.55 -7.84 -24.66
N THR B 3 -0.38 -7.33 -24.29
CA THR B 3 -0.22 -6.47 -23.12
C THR B 3 0.63 -5.27 -23.46
N LEU B 4 0.24 -4.11 -22.96
CA LEU B 4 1.03 -2.90 -23.16
C LEU B 4 2.16 -3.04 -22.14
N TRP B 5 3.39 -2.88 -22.62
CA TRP B 5 4.54 -2.98 -21.75
C TRP B 5 5.39 -1.82 -22.14
N ASN B 6 5.39 -0.79 -21.30
CA ASN B 6 6.14 0.42 -21.56
C ASN B 6 5.52 1.11 -22.76
N ASP B 7 6.14 1.01 -23.93
CA ASP B 7 5.57 1.65 -25.12
C ASP B 7 5.39 0.66 -26.23
N GLN B 8 5.24 -0.60 -25.88
CA GLN B 8 5.09 -1.61 -26.91
C GLN B 8 3.95 -2.53 -26.58
N ILE B 9 3.16 -2.87 -27.60
CA ILE B 9 2.09 -3.82 -27.39
C ILE B 9 2.77 -5.13 -27.78
N VAL B 10 2.95 -6.03 -26.81
CA VAL B 10 3.60 -7.31 -27.06
C VAL B 10 2.73 -8.46 -26.59
N LYS B 11 3.07 -9.67 -27.00
CA LYS B 11 2.30 -10.84 -26.57
C LYS B 11 2.53 -11.02 -25.07
N ASP B 12 1.52 -11.45 -24.33
CA ASP B 12 1.65 -11.60 -22.87
C ASP B 12 2.89 -12.32 -22.37
N GLU B 13 3.33 -13.32 -23.11
CA GLU B 13 4.47 -14.15 -22.75
C GLU B 13 5.82 -13.42 -22.74
N GLU B 14 5.91 -12.30 -23.42
CA GLU B 14 7.15 -11.59 -23.51
C GLU B 14 7.41 -10.68 -22.32
N VAL B 15 6.33 -10.34 -21.61
CA VAL B 15 6.41 -9.45 -20.46
C VAL B 15 7.13 -10.12 -19.31
N LYS B 16 8.08 -9.40 -18.73
CA LYS B 16 8.83 -9.90 -17.57
C LYS B 16 8.91 -8.80 -16.51
N ILE B 17 8.39 -9.09 -15.33
CA ILE B 17 8.46 -8.12 -14.25
C ILE B 17 9.61 -8.53 -13.35
N ASP B 18 10.42 -7.56 -12.97
CA ASP B 18 11.56 -7.82 -12.11
C ASP B 18 11.17 -7.83 -10.64
N LYS B 19 11.78 -8.69 -9.85
CA LYS B 19 11.46 -8.78 -8.43
C LYS B 19 11.68 -7.49 -7.65
N GLU B 20 12.51 -6.59 -8.16
CA GLU B 20 12.76 -5.33 -7.47
C GLU B 20 12.06 -4.18 -8.14
N ASP B 21 10.98 -4.51 -8.81
CA ASP B 21 10.16 -3.48 -9.43
C ASP B 21 9.55 -2.85 -8.17
N ARG B 22 9.62 -1.53 -8.05
CA ARG B 22 9.09 -0.86 -6.87
C ARG B 22 7.60 -1.06 -6.62
N GLY B 23 6.86 -1.45 -7.67
CA GLY B 23 5.43 -1.73 -7.55
C GLY B 23 5.23 -3.05 -6.85
N TYR B 24 6.23 -3.92 -6.95
CA TYR B 24 6.18 -5.22 -6.31
C TYR B 24 6.67 -5.16 -4.86
N GLN B 25 7.60 -4.26 -4.57
CA GLN B 25 8.15 -4.15 -3.23
C GLN B 25 7.58 -3.11 -2.26
N PHE B 26 7.11 -1.98 -2.79
CA PHE B 26 6.54 -0.89 -1.99
C PHE B 26 5.15 -0.47 -2.48
N GLY B 27 4.61 -1.15 -3.50
CA GLY B 27 3.32 -0.74 -4.06
C GLY B 27 3.45 0.68 -4.59
N ASP B 28 4.67 1.01 -5.03
CA ASP B 28 5.04 2.33 -5.51
C ASP B 28 4.60 2.58 -6.95
N GLY B 29 3.32 2.90 -7.13
CA GLY B 29 2.80 3.14 -8.46
C GLY B 29 1.36 3.58 -8.39
N VAL B 30 0.80 3.93 -9.56
CA VAL B 30 -0.57 4.38 -9.67
C VAL B 30 -1.29 3.58 -10.75
N TYR B 31 -2.62 3.58 -10.75
CA TYR B 31 -3.38 2.79 -11.73
C TYR B 31 -4.67 3.47 -12.18
N GLU B 32 -5.25 2.93 -13.25
CA GLU B 32 -6.49 3.41 -13.81
C GLU B 32 -7.19 2.24 -14.46
N VAL B 33 -8.52 2.33 -14.53
CA VAL B 33 -9.35 1.32 -15.17
C VAL B 33 -10.26 2.13 -16.09
N VAL B 34 -10.39 1.71 -17.35
CA VAL B 34 -11.23 2.40 -18.34
C VAL B 34 -12.22 1.40 -18.94
N LYS B 35 -13.50 1.74 -18.96
CA LYS B 35 -14.51 0.86 -19.51
C LYS B 35 -14.59 1.06 -21.02
N VAL B 36 -14.78 -0.05 -21.72
CA VAL B 36 -14.90 -0.08 -23.18
C VAL B 36 -16.28 -0.64 -23.49
N TYR B 37 -17.05 0.10 -24.28
CA TYR B 37 -18.40 -0.37 -24.68
C TYR B 37 -18.44 -0.66 -26.20
N ASN B 38 -18.66 -1.91 -26.58
CA ASN B 38 -18.73 -2.28 -28.00
C ASN B 38 -17.56 -1.69 -28.79
N GLY B 39 -16.36 -1.82 -28.24
CA GLY B 39 -15.17 -1.29 -28.91
C GLY B 39 -14.73 0.15 -28.68
N GLU B 40 -15.54 1.00 -28.06
CA GLU B 40 -15.14 2.40 -27.82
C GLU B 40 -14.84 2.68 -26.35
N MET B 41 -13.76 3.40 -26.06
CA MET B 41 -13.39 3.73 -24.68
C MET B 41 -14.20 4.87 -24.08
N PHE B 42 -14.78 4.64 -22.91
CA PHE B 42 -15.57 5.66 -22.22
C PHE B 42 -14.69 6.59 -21.39
N THR B 43 -14.83 7.89 -21.62
CA THR B 43 -14.09 8.94 -20.90
C THR B 43 -12.58 8.67 -20.74
N VAL B 44 -11.97 8.10 -21.77
CA VAL B 44 -10.54 7.78 -21.72
C VAL B 44 -9.63 8.95 -21.35
N ASN B 45 -9.91 10.13 -21.89
CA ASN B 45 -9.07 11.28 -21.60
C ASN B 45 -9.08 11.73 -20.16
N GLU B 46 -10.21 11.56 -19.47
CA GLU B 46 -10.30 11.97 -18.07
C GLU B 46 -9.46 11.04 -17.22
N HIS B 47 -9.48 9.76 -17.57
CA HIS B 47 -8.70 8.75 -16.86
C HIS B 47 -7.21 8.94 -17.09
N ILE B 48 -6.82 9.32 -18.30
CA ILE B 48 -5.43 9.55 -18.62
C ILE B 48 -4.98 10.80 -17.85
N ASP B 49 -5.85 11.79 -17.75
CA ASP B 49 -5.54 13.00 -17.00
C ASP B 49 -5.35 12.63 -15.54
N ARG B 50 -6.18 11.73 -15.04
CA ARG B 50 -6.06 11.34 -13.64
C ARG B 50 -4.82 10.47 -13.39
N LEU B 51 -4.45 9.64 -14.36
CA LEU B 51 -3.27 8.82 -14.23
C LEU B 51 -2.07 9.74 -14.06
N TYR B 52 -2.01 10.79 -14.89
CA TYR B 52 -0.91 11.73 -14.81
C TYR B 52 -0.91 12.52 -13.50
N ALA B 53 -2.10 12.89 -13.04
CA ALA B 53 -2.24 13.62 -11.79
C ALA B 53 -1.83 12.76 -10.59
N SER B 54 -2.22 11.48 -10.58
CA SER B 54 -1.83 10.59 -9.47
C SER B 54 -0.31 10.39 -9.48
N ALA B 55 0.25 10.14 -10.66
CA ALA B 55 1.69 9.89 -10.79
C ALA B 55 2.45 11.11 -10.34
N GLU B 56 1.97 12.28 -10.75
CA GLU B 56 2.57 13.54 -10.38
C GLU B 56 2.55 13.77 -8.87
N LYS B 57 1.49 13.36 -8.21
CA LYS B 57 1.40 13.53 -6.76
C LYS B 57 2.50 12.77 -6.01
N ILE B 58 2.94 11.63 -6.53
CA ILE B 58 3.99 10.88 -5.86
C ILE B 58 5.31 11.03 -6.60
N ARG B 59 5.39 12.07 -7.40
CA ARG B 59 6.57 12.41 -8.18
C ARG B 59 7.16 11.39 -9.14
N ILE B 60 6.27 10.75 -9.90
CA ILE B 60 6.70 9.79 -10.93
C ILE B 60 6.56 10.55 -12.25
N THR B 61 7.55 10.42 -13.13
CA THR B 61 7.48 11.11 -14.39
C THR B 61 7.19 10.13 -15.52
N ILE B 62 5.98 10.17 -16.04
CA ILE B 62 5.59 9.29 -17.14
C ILE B 62 6.39 9.81 -18.33
N PRO B 63 7.26 8.95 -18.89
CA PRO B 63 8.14 9.25 -20.02
C PRO B 63 7.54 9.67 -21.36
N TYR B 64 6.23 9.59 -21.53
CA TYR B 64 5.65 10.05 -22.78
C TYR B 64 4.37 10.83 -22.59
N THR B 65 3.95 11.53 -23.63
CA THR B 65 2.78 12.37 -23.57
C THR B 65 1.44 11.63 -23.55
N LYS B 66 0.40 12.36 -23.14
CA LYS B 66 -0.94 11.81 -23.06
C LYS B 66 -1.42 11.27 -24.41
N ASP B 67 -1.03 11.95 -25.48
CA ASP B 67 -1.40 11.56 -26.84
C ASP B 67 -0.83 10.19 -27.20
N LYS B 68 0.42 9.95 -26.81
CA LYS B 68 1.08 8.67 -27.06
C LYS B 68 0.44 7.58 -26.22
N PHE B 69 0.09 7.90 -24.97
CA PHE B 69 -0.55 6.92 -24.09
C PHE B 69 -1.92 6.51 -24.68
N HIS B 70 -2.64 7.51 -25.17
CA HIS B 70 -3.96 7.32 -25.77
C HIS B 70 -3.88 6.40 -27.02
N GLN B 71 -2.91 6.68 -27.89
CA GLN B 71 -2.68 5.90 -29.11
C GLN B 71 -2.44 4.43 -28.74
N LEU B 72 -1.62 4.22 -27.72
CA LEU B 72 -1.28 2.89 -27.22
C LEU B 72 -2.47 2.14 -26.67
N LEU B 73 -3.37 2.84 -25.99
CA LEU B 73 -4.57 2.20 -25.45
C LEU B 73 -5.46 1.81 -26.61
N HIS B 74 -5.51 2.67 -27.61
CA HIS B 74 -6.31 2.41 -28.78
C HIS B 74 -5.81 1.16 -29.46
N GLU B 75 -4.50 1.09 -29.65
CA GLU B 75 -3.87 -0.06 -30.29
C GLU B 75 -4.12 -1.32 -29.49
N LEU B 76 -4.06 -1.17 -28.18
CA LEU B 76 -4.28 -2.28 -27.26
C LEU B 76 -5.70 -2.85 -27.36
N VAL B 77 -6.69 -1.97 -27.49
CA VAL B 77 -8.09 -2.37 -27.61
C VAL B 77 -8.28 -3.13 -28.94
N GLU B 78 -7.71 -2.58 -30.00
CA GLU B 78 -7.78 -3.15 -31.35
C GLU B 78 -7.11 -4.53 -31.45
N LYS B 79 -5.88 -4.63 -30.98
CA LYS B 79 -5.15 -5.90 -31.02
C LYS B 79 -5.83 -7.00 -30.22
N ASN B 80 -6.41 -6.65 -29.08
CA ASN B 80 -7.08 -7.65 -28.27
C ASN B 80 -8.51 -7.89 -28.74
N GLU B 81 -8.98 -7.03 -29.65
CA GLU B 81 -10.32 -7.14 -30.20
C GLU B 81 -11.35 -7.11 -29.06
N LEU B 82 -11.21 -6.12 -28.18
CA LEU B 82 -12.10 -5.98 -27.05
C LEU B 82 -13.45 -5.39 -27.44
N ASN B 83 -14.51 -6.15 -27.16
CA ASN B 83 -15.87 -5.72 -27.43
C ASN B 83 -16.32 -4.90 -26.21
N THR B 84 -16.84 -5.57 -25.19
CA THR B 84 -17.27 -4.86 -23.97
C THR B 84 -16.48 -5.38 -22.77
N GLY B 85 -15.81 -4.48 -22.08
CA GLY B 85 -15.02 -4.87 -20.91
C GLY B 85 -14.26 -3.68 -20.38
N HIS B 86 -13.00 -3.88 -20.02
CA HIS B 86 -12.23 -2.76 -19.52
C HIS B 86 -10.75 -2.94 -19.71
N ILE B 87 -10.04 -1.82 -19.67
CA ILE B 87 -8.60 -1.79 -19.80
C ILE B 87 -8.07 -1.44 -18.42
N TYR B 88 -7.09 -2.20 -17.97
CA TYR B 88 -6.46 -1.93 -16.68
C TYR B 88 -5.06 -1.51 -17.03
N PHE B 89 -4.59 -0.39 -16.49
CA PHE B 89 -3.22 0.05 -16.73
C PHE B 89 -2.61 0.67 -15.46
N GLN B 90 -1.33 0.43 -15.23
CA GLN B 90 -0.61 0.95 -14.07
C GLN B 90 0.80 1.40 -14.43
N VAL B 91 1.36 2.26 -13.59
CA VAL B 91 2.71 2.80 -13.75
C VAL B 91 3.39 2.72 -12.37
N THR B 92 4.61 2.18 -12.32
CA THR B 92 5.36 2.07 -11.08
C THR B 92 6.64 2.86 -11.26
N ARG B 93 7.32 3.22 -10.16
CA ARG B 93 8.55 4.00 -10.27
C ARG B 93 9.66 3.35 -11.12
N GLY B 94 9.70 2.03 -11.17
CA GLY B 94 10.72 1.35 -11.94
C GLY B 94 11.43 0.28 -11.15
N THR B 95 12.45 -0.33 -11.77
CA THR B 95 13.22 -1.38 -11.14
C THR B 95 14.48 -0.73 -10.59
N SER B 96 14.83 -1.05 -9.34
CA SER B 96 16.02 -0.49 -8.70
C SER B 96 16.32 -1.30 -7.44
N PRO B 97 17.60 -1.41 -7.03
CA PRO B 97 17.92 -2.19 -5.83
C PRO B 97 17.11 -1.64 -4.65
N ARG B 98 16.52 -2.54 -3.88
CA ARG B 98 15.65 -2.17 -2.78
C ARG B 98 16.16 -1.08 -1.86
N ALA B 99 15.43 0.04 -1.84
CA ALA B 99 15.74 1.18 -1.00
C ALA B 99 14.49 2.04 -0.96
N HIS B 100 14.09 2.49 0.23
CA HIS B 100 12.90 3.32 0.39
C HIS B 100 12.89 4.64 -0.41
N GLN B 101 13.99 5.38 -0.39
CA GLN B 101 14.07 6.65 -1.11
C GLN B 101 14.06 6.48 -2.64
N PHE B 102 13.63 7.51 -3.36
CA PHE B 102 13.56 7.46 -4.82
C PHE B 102 14.92 7.08 -5.39
N PRO B 103 14.93 6.33 -6.50
CA PRO B 103 16.19 5.93 -7.13
C PRO B 103 16.69 7.15 -7.90
N GLU B 104 17.87 7.02 -8.51
CA GLU B 104 18.38 8.13 -9.31
C GLU B 104 17.44 8.34 -10.50
N ASN B 105 17.21 9.59 -10.87
CA ASN B 105 16.30 9.96 -11.95
C ASN B 105 16.53 9.26 -13.30
N THR B 106 17.51 8.39 -13.38
CA THR B 106 17.80 7.66 -14.62
C THR B 106 16.98 6.37 -14.73
N VAL B 107 16.21 6.05 -13.71
CA VAL B 107 15.39 4.84 -13.72
C VAL B 107 14.06 5.09 -14.43
N LYS B 108 13.76 4.25 -15.42
CA LYS B 108 12.54 4.39 -16.19
C LYS B 108 11.36 3.65 -15.57
N PRO B 109 10.20 4.34 -15.45
CA PRO B 109 8.98 3.74 -14.89
C PRO B 109 8.51 2.56 -15.74
N VAL B 110 7.89 1.59 -15.10
CA VAL B 110 7.39 0.43 -15.80
C VAL B 110 5.89 0.61 -16.00
N ILE B 111 5.45 0.53 -17.26
CA ILE B 111 4.05 0.67 -17.58
C ILE B 111 3.51 -0.68 -18.05
N ILE B 112 2.36 -1.06 -17.51
CA ILE B 112 1.70 -2.31 -17.84
C ILE B 112 0.24 -2.01 -18.10
N GLY B 113 -0.33 -2.62 -19.14
CA GLY B 113 -1.74 -2.41 -19.46
C GLY B 113 -2.32 -3.63 -20.15
N TYR B 114 -3.54 -4.02 -19.83
CA TYR B 114 -4.15 -5.17 -20.47
C TYR B 114 -5.66 -5.04 -20.44
N THR B 115 -6.35 -5.88 -21.20
CA THR B 115 -7.79 -5.80 -21.28
C THR B 115 -8.48 -7.02 -20.73
N LYS B 116 -9.77 -6.89 -20.46
CA LYS B 116 -10.57 -7.99 -20.01
C LYS B 116 -11.99 -7.77 -20.51
N GLU B 117 -12.59 -8.84 -21.02
CA GLU B 117 -13.94 -8.82 -21.54
C GLU B 117 -14.83 -8.94 -20.31
N ASN B 118 -15.77 -8.03 -20.14
CA ASN B 118 -16.65 -8.05 -18.98
C ASN B 118 -17.94 -7.30 -19.32
N PRO B 119 -19.11 -7.96 -19.19
CA PRO B 119 -20.41 -7.36 -19.50
C PRO B 119 -20.83 -6.29 -18.50
N ARG B 120 -21.79 -5.46 -18.90
CA ARG B 120 -22.31 -4.46 -18.00
C ARG B 120 -23.04 -5.26 -16.94
N PRO B 121 -23.00 -4.80 -15.69
CA PRO B 121 -23.66 -5.52 -14.60
C PRO B 121 -25.19 -5.46 -14.57
N LEU B 122 -25.83 -5.99 -15.62
CA LEU B 122 -27.28 -5.97 -15.76
C LEU B 122 -28.15 -6.18 -14.53
N GLU B 123 -28.01 -7.33 -13.90
CA GLU B 123 -28.79 -7.62 -12.73
C GLU B 123 -28.63 -6.59 -11.61
N ASN B 124 -27.39 -6.18 -11.33
CA ASN B 124 -27.12 -5.19 -10.28
C ASN B 124 -27.77 -3.86 -10.55
N LEU B 125 -27.63 -3.37 -11.78
CA LEU B 125 -28.21 -2.09 -12.17
C LEU B 125 -29.72 -2.06 -11.99
N GLU B 126 -30.35 -3.21 -12.20
CA GLU B 126 -31.80 -3.34 -12.13
C GLU B 126 -32.37 -3.71 -10.76
N LYS B 127 -31.69 -4.60 -10.06
CA LYS B 127 -32.17 -5.03 -8.78
C LYS B 127 -31.54 -4.35 -7.57
N GLY B 128 -30.38 -3.72 -7.76
CA GLY B 128 -29.71 -3.08 -6.64
C GLY B 128 -28.92 -4.15 -5.90
N VAL B 129 -28.05 -3.74 -4.98
CA VAL B 129 -27.24 -4.69 -4.22
C VAL B 129 -27.25 -4.40 -2.70
N LYS B 130 -26.73 -5.34 -1.91
CA LYS B 130 -26.62 -5.20 -0.45
C LYS B 130 -25.20 -4.71 -0.15
N ALA B 131 -25.04 -3.91 0.90
CA ALA B 131 -23.73 -3.42 1.26
C ALA B 131 -23.53 -3.58 2.74
N THR B 132 -22.31 -3.32 3.20
CA THR B 132 -21.98 -3.41 4.61
C THR B 132 -21.05 -2.27 4.96
N PHE B 133 -21.09 -1.85 6.22
CA PHE B 133 -20.25 -0.76 6.71
C PHE B 133 -18.94 -1.35 7.24
N VAL B 134 -17.82 -0.76 6.82
CA VAL B 134 -16.52 -1.20 7.28
C VAL B 134 -15.72 0.04 7.63
N GLU B 135 -15.00 -0.02 8.75
CA GLU B 135 -14.23 1.13 9.19
C GLU B 135 -13.05 1.40 8.28
N ASP B 136 -12.93 2.65 7.85
CA ASP B 136 -11.88 3.10 6.97
C ASP B 136 -10.60 3.25 7.79
N ILE B 137 -9.66 2.32 7.60
CA ILE B 137 -8.38 2.34 8.29
C ILE B 137 -7.22 2.67 7.33
N ARG B 138 -7.55 3.14 6.12
CA ARG B 138 -6.54 3.46 5.12
C ARG B 138 -5.69 4.68 5.46
N TRP B 139 -4.70 4.94 4.61
CA TRP B 139 -3.84 6.08 4.82
C TRP B 139 -4.56 7.38 4.49
N LEU B 140 -3.92 8.51 4.78
CA LEU B 140 -4.53 9.82 4.56
C LEU B 140 -4.40 10.50 3.20
N ARG B 141 -3.94 9.77 2.20
CA ARG B 141 -3.85 10.36 0.87
C ARG B 141 -4.68 9.48 -0.08
N CYS B 142 -5.95 9.27 0.26
CA CYS B 142 -6.81 8.46 -0.56
C CYS B 142 -7.13 9.10 -1.90
N ASP B 143 -6.75 10.37 -2.05
CA ASP B 143 -6.95 11.09 -3.30
C ASP B 143 -6.00 10.59 -4.39
N ILE B 144 -4.93 9.89 -3.97
CA ILE B 144 -3.95 9.34 -4.89
C ILE B 144 -4.33 7.90 -5.16
N LYS B 145 -4.58 7.55 -6.42
CA LYS B 145 -4.94 6.18 -6.77
C LYS B 145 -3.68 5.35 -6.94
N SER B 146 -3.09 4.91 -5.83
CA SER B 146 -1.87 4.14 -5.88
C SER B 146 -2.12 2.65 -5.72
N LEU B 147 -1.07 1.86 -5.81
CA LEU B 147 -1.13 0.40 -5.67
C LEU B 147 -1.19 -0.11 -4.22
N ASN B 148 -1.19 0.82 -3.27
CA ASN B 148 -1.31 0.46 -1.85
C ASN B 148 -2.82 0.27 -1.63
N LEU B 149 -3.31 -0.92 -1.98
CA LEU B 149 -4.73 -1.24 -1.90
C LEU B 149 -5.06 -2.33 -0.91
N LEU B 150 -4.20 -2.53 0.08
CA LEU B 150 -4.44 -3.58 1.06
C LEU B 150 -5.67 -3.32 1.94
N GLY B 151 -5.92 -2.06 2.30
CA GLY B 151 -7.10 -1.77 3.10
C GLY B 151 -8.37 -2.10 2.32
N ALA B 152 -8.38 -1.77 1.03
CA ALA B 152 -9.52 -2.05 0.14
C ALA B 152 -9.72 -3.54 -0.06
N VAL B 153 -8.62 -4.28 -0.11
CA VAL B 153 -8.67 -5.70 -0.27
C VAL B 153 -9.35 -6.31 0.96
N LEU B 154 -8.92 -5.89 2.15
CA LEU B 154 -9.49 -6.42 3.39
C LEU B 154 -10.97 -6.07 3.52
N ALA B 155 -11.33 -4.84 3.12
CA ALA B 155 -12.70 -4.35 3.16
C ALA B 155 -13.63 -5.11 2.22
N LYS B 156 -13.22 -5.26 0.97
CA LYS B 156 -14.00 -5.98 -0.04
C LYS B 156 -14.17 -7.45 0.40
N GLN B 157 -13.13 -8.05 0.96
CA GLN B 157 -13.22 -9.44 1.39
C GLN B 157 -14.26 -9.57 2.48
N GLU B 158 -14.30 -8.59 3.37
CA GLU B 158 -15.24 -8.59 4.48
C GLU B 158 -16.67 -8.52 3.94
N ALA B 159 -16.90 -7.65 2.96
CA ALA B 159 -18.24 -7.52 2.35
C ALA B 159 -18.64 -8.83 1.67
N HIS B 160 -17.73 -9.35 0.85
CA HIS B 160 -17.94 -10.60 0.13
C HIS B 160 -18.31 -11.78 1.04
N GLU B 161 -17.67 -11.90 2.20
CA GLU B 161 -17.95 -13.00 3.13
C GLU B 161 -19.33 -12.93 3.76
N LYS B 162 -19.88 -11.74 3.84
CA LYS B 162 -21.22 -11.54 4.40
C LYS B 162 -22.29 -11.54 3.31
N GLY B 163 -21.88 -11.86 2.08
CA GLY B 163 -22.79 -11.93 0.95
C GLY B 163 -23.13 -10.58 0.37
N CYS B 164 -22.32 -9.57 0.67
CA CYS B 164 -22.55 -8.22 0.17
C CYS B 164 -21.70 -7.92 -1.04
N TYR B 165 -22.05 -6.88 -1.78
CA TYR B 165 -21.34 -6.52 -2.99
C TYR B 165 -20.23 -5.51 -2.78
N GLU B 166 -20.45 -4.57 -1.87
CA GLU B 166 -19.46 -3.53 -1.64
C GLU B 166 -19.40 -3.17 -0.17
N ALA B 167 -18.23 -2.71 0.26
CA ALA B 167 -18.05 -2.27 1.64
C ALA B 167 -18.08 -0.77 1.58
N ILE B 168 -18.97 -0.19 2.37
CA ILE B 168 -19.08 1.26 2.47
C ILE B 168 -18.18 1.63 3.65
N LEU B 169 -17.12 2.34 3.36
CA LEU B 169 -16.15 2.71 4.37
C LEU B 169 -16.59 3.95 5.10
N HIS B 170 -16.16 4.07 6.35
CA HIS B 170 -16.48 5.23 7.18
C HIS B 170 -15.31 5.58 8.13
N ARG B 171 -14.93 6.85 8.13
CA ARG B 171 -13.85 7.32 8.96
C ARG B 171 -14.47 8.21 10.02
N ASN B 172 -14.31 7.83 11.29
CA ASN B 172 -14.86 8.63 12.37
C ASN B 172 -16.37 8.76 12.18
N ASN B 173 -17.00 7.63 11.84
CA ASN B 173 -18.42 7.52 11.61
C ASN B 173 -18.94 8.28 10.38
N THR B 174 -18.06 8.95 9.64
CA THR B 174 -18.44 9.68 8.44
C THR B 174 -18.15 8.80 7.19
N VAL B 175 -19.17 8.61 6.36
CA VAL B 175 -19.05 7.79 5.15
C VAL B 175 -18.16 8.50 4.14
N THR B 176 -17.12 7.81 3.70
CA THR B 176 -16.20 8.38 2.74
C THR B 176 -16.51 7.84 1.33
N GLU B 177 -16.11 6.61 1.08
CA GLU B 177 -16.33 5.99 -0.21
C GLU B 177 -16.40 4.50 0.00
N GLY B 178 -16.52 3.73 -1.08
CA GLY B 178 -16.54 2.29 -0.96
C GLY B 178 -15.15 1.78 -1.26
N SER B 179 -14.90 0.49 -1.07
CA SER B 179 -13.56 -0.03 -1.35
C SER B 179 -13.09 0.13 -2.80
N SER B 180 -14.02 0.26 -3.74
CA SER B 180 -13.66 0.46 -5.14
C SER B 180 -14.70 1.31 -5.85
N SER B 181 -15.38 2.17 -5.09
CA SER B 181 -16.41 3.03 -5.65
C SER B 181 -16.62 4.27 -4.79
N ASN B 182 -17.40 5.20 -5.31
CA ASN B 182 -17.75 6.40 -4.56
C ASN B 182 -19.16 6.17 -4.08
N VAL B 183 -19.55 6.80 -2.98
CA VAL B 183 -20.88 6.61 -2.40
C VAL B 183 -21.76 7.86 -2.50
N PHE B 184 -23.00 7.63 -2.91
CA PHE B 184 -23.99 8.69 -3.08
C PHE B 184 -25.24 8.39 -2.29
N GLY B 185 -25.83 9.44 -1.72
CA GLY B 185 -27.04 9.33 -0.94
C GLY B 185 -28.06 10.35 -1.43
N ILE B 186 -29.33 9.98 -1.42
CA ILE B 186 -30.41 10.85 -1.89
C ILE B 186 -31.46 11.06 -0.78
N LYS B 187 -31.75 12.32 -0.48
CA LYS B 187 -32.71 12.67 0.55
C LYS B 187 -33.53 13.86 0.05
N ASP B 188 -34.84 13.65 -0.03
CA ASP B 188 -35.79 14.66 -0.51
C ASP B 188 -35.39 15.27 -1.85
N GLY B 189 -35.02 14.43 -2.79
CA GLY B 189 -34.64 14.90 -4.12
C GLY B 189 -33.35 15.69 -4.19
N ILE B 190 -32.48 15.54 -3.19
CA ILE B 190 -31.19 16.25 -3.21
C ILE B 190 -30.09 15.20 -3.22
N LEU B 191 -29.06 15.42 -4.03
CA LEU B 191 -27.95 14.48 -4.15
C LEU B 191 -26.78 14.86 -3.23
N TYR B 192 -26.36 13.92 -2.39
CA TYR B 192 -25.26 14.10 -1.43
C TYR B 192 -24.09 13.13 -1.65
N THR B 193 -22.88 13.60 -1.39
CA THR B 193 -21.71 12.76 -1.50
C THR B 193 -20.54 13.47 -0.81
N HIS B 194 -19.57 12.69 -0.32
CA HIS B 194 -18.39 13.26 0.37
C HIS B 194 -17.60 14.15 -0.61
N PRO B 195 -17.13 15.34 -0.15
CA PRO B 195 -16.39 16.17 -1.09
C PRO B 195 -15.11 15.45 -1.47
N ALA B 196 -14.52 15.89 -2.56
CA ALA B 196 -13.31 15.32 -3.09
C ALA B 196 -12.05 15.90 -2.46
N ASN B 197 -11.71 15.42 -1.27
CA ASN B 197 -10.50 15.87 -0.61
C ASN B 197 -9.56 14.66 -0.46
N ASN B 198 -8.70 14.66 0.55
CA ASN B 198 -7.76 13.57 0.73
C ASN B 198 -8.38 12.29 1.27
N MET B 199 -9.65 12.34 1.66
CA MET B 199 -10.32 11.16 2.22
C MET B 199 -10.84 10.19 1.15
N ILE B 200 -10.96 10.66 -0.09
CA ILE B 200 -11.50 9.82 -1.15
C ILE B 200 -10.85 10.04 -2.50
N ALA B 201 -11.08 9.10 -3.41
CA ALA B 201 -10.61 9.23 -4.77
C ALA B 201 -11.70 9.98 -5.52
N LYS B 202 -11.32 10.96 -6.32
CA LYS B 202 -12.28 11.72 -7.09
C LYS B 202 -12.56 10.90 -8.36
N GLY B 203 -13.48 9.94 -8.23
CA GLY B 203 -13.86 9.06 -9.31
C GLY B 203 -14.42 9.74 -10.55
N ILE B 204 -14.06 9.22 -11.72
CA ILE B 204 -14.54 9.79 -12.97
C ILE B 204 -16.05 9.60 -13.07
N THR B 205 -16.55 8.43 -12.69
CA THR B 205 -17.99 8.15 -12.73
C THR B 205 -18.72 9.08 -11.77
N ARG B 206 -18.05 9.41 -10.67
CA ARG B 206 -18.60 10.29 -9.65
C ARG B 206 -18.86 11.63 -10.30
N ASP B 207 -17.89 12.11 -11.09
CA ASP B 207 -18.03 13.38 -11.77
C ASP B 207 -19.07 13.31 -12.88
N VAL B 208 -19.16 12.18 -13.53
CA VAL B 208 -20.13 12.00 -14.61
C VAL B 208 -21.54 12.02 -14.04
N VAL B 209 -21.71 11.42 -12.86
CA VAL B 209 -23.00 11.38 -12.20
C VAL B 209 -23.41 12.78 -11.70
N ILE B 210 -22.45 13.55 -11.20
CA ILE B 210 -22.74 14.92 -10.74
C ILE B 210 -23.13 15.78 -11.95
N ALA B 211 -22.45 15.57 -13.07
CA ALA B 211 -22.73 16.28 -14.31
C ALA B 211 -24.15 15.94 -14.77
N CYS B 212 -24.51 14.67 -14.61
CA CYS B 212 -25.83 14.15 -14.96
C CYS B 212 -26.92 14.78 -14.07
N ALA B 213 -26.61 14.98 -12.79
CA ALA B 213 -27.54 15.58 -11.84
C ALA B 213 -27.78 17.03 -12.21
N ASN B 214 -26.73 17.75 -12.56
CA ASN B 214 -26.84 19.13 -12.96
C ASN B 214 -27.73 19.22 -14.20
N GLU B 215 -27.57 18.27 -15.12
CA GLU B 215 -28.35 18.21 -16.35
C GLU B 215 -29.84 17.97 -16.14
N ILE B 216 -30.20 17.11 -15.18
CA ILE B 216 -31.62 16.86 -14.92
C ILE B 216 -32.15 17.82 -13.86
N ASN B 217 -31.39 18.88 -13.62
CA ASN B 217 -31.76 19.90 -12.64
C ASN B 217 -31.95 19.40 -11.23
N MET B 218 -31.08 18.50 -10.82
CA MET B 218 -31.14 17.94 -9.49
C MET B 218 -30.06 18.62 -8.68
N PRO B 219 -30.41 19.16 -7.51
CA PRO B 219 -29.45 19.84 -6.62
C PRO B 219 -28.39 18.89 -6.09
N VAL B 220 -27.15 19.35 -6.06
CA VAL B 220 -26.03 18.55 -5.56
C VAL B 220 -25.38 19.27 -4.37
N LYS B 221 -25.16 18.52 -3.30
CA LYS B 221 -24.55 19.05 -2.09
C LYS B 221 -23.40 18.13 -1.72
N GLU B 222 -22.17 18.60 -1.88
CA GLU B 222 -21.01 17.79 -1.55
C GLU B 222 -20.65 17.87 -0.08
N ILE B 223 -21.54 17.41 0.78
CA ILE B 223 -21.30 17.41 2.22
C ILE B 223 -21.29 15.99 2.72
N PRO B 224 -20.34 15.66 3.59
CA PRO B 224 -20.27 14.29 4.11
C PRO B 224 -21.45 13.96 5.05
N PHE B 225 -21.79 12.69 5.13
CA PHE B 225 -22.87 12.24 5.98
C PHE B 225 -22.43 11.01 6.76
N THR B 226 -22.97 10.84 7.95
CA THR B 226 -22.59 9.73 8.80
C THR B 226 -23.30 8.43 8.46
N THR B 227 -22.91 7.34 9.14
CA THR B 227 -23.52 6.06 8.94
C THR B 227 -25.00 6.13 9.30
N HIS B 228 -25.29 6.81 10.41
CA HIS B 228 -26.65 6.97 10.87
C HIS B 228 -27.50 7.69 9.84
N GLU B 229 -26.96 8.73 9.23
CA GLU B 229 -27.71 9.47 8.23
C GLU B 229 -27.89 8.66 6.93
N ALA B 230 -26.87 7.89 6.55
CA ALA B 230 -26.96 7.07 5.34
C ALA B 230 -28.15 6.12 5.36
N LEU B 231 -28.36 5.45 6.49
CA LEU B 231 -29.46 4.50 6.69
C LEU B 231 -30.84 5.16 6.66
N LYS B 232 -30.86 6.49 6.74
CA LYS B 232 -32.07 7.29 6.75
C LYS B 232 -32.30 7.93 5.40
N MET B 233 -31.44 7.62 4.43
CA MET B 233 -31.57 8.18 3.09
C MET B 233 -32.79 7.59 2.39
N ASP B 234 -33.28 8.30 1.38
CA ASP B 234 -34.42 7.81 0.59
C ASP B 234 -33.86 6.81 -0.43
N GLU B 235 -32.68 7.15 -0.95
CA GLU B 235 -31.97 6.34 -1.92
C GLU B 235 -30.47 6.38 -1.62
N LEU B 236 -29.75 5.37 -2.11
CA LEU B 236 -28.31 5.24 -1.92
C LEU B 236 -27.78 4.43 -3.11
N PHE B 237 -26.59 4.76 -3.59
CA PHE B 237 -26.00 4.01 -4.69
C PHE B 237 -24.49 4.22 -4.75
N VAL B 238 -23.77 3.28 -5.38
CA VAL B 238 -22.31 3.38 -5.52
C VAL B 238 -21.95 3.58 -7.00
N THR B 239 -20.83 4.24 -7.26
CA THR B 239 -20.40 4.47 -8.63
C THR B 239 -18.95 4.06 -8.85
N SER B 240 -18.67 3.49 -10.04
CA SER B 240 -17.31 3.10 -10.43
C SER B 240 -17.33 2.85 -11.91
N THR B 241 -16.15 2.80 -12.52
CA THR B 241 -16.02 2.56 -13.94
C THR B 241 -16.71 1.26 -14.35
N THR B 242 -16.59 0.24 -13.52
CA THR B 242 -17.21 -1.06 -13.80
C THR B 242 -18.61 -1.26 -13.21
N SER B 243 -18.94 -0.52 -12.15
CA SER B 243 -20.26 -0.64 -11.53
C SER B 243 -21.29 0.35 -12.08
N GLU B 244 -20.81 1.37 -12.79
CA GLU B 244 -21.66 2.43 -13.33
C GLU B 244 -22.42 3.03 -12.15
N ILE B 245 -23.75 2.98 -12.16
CA ILE B 245 -24.56 3.49 -11.04
C ILE B 245 -25.29 2.27 -10.49
N THR B 246 -24.70 1.66 -9.47
CA THR B 246 -25.26 0.48 -8.85
C THR B 246 -26.00 0.81 -7.57
N PRO B 247 -27.33 0.67 -7.58
CA PRO B 247 -28.18 0.96 -6.42
C PRO B 247 -27.89 0.11 -5.20
N VAL B 248 -27.85 0.72 -4.02
CA VAL B 248 -27.65 -0.03 -2.79
C VAL B 248 -29.00 0.04 -2.12
N ILE B 249 -29.58 -1.12 -1.82
CA ILE B 249 -30.91 -1.23 -1.25
C ILE B 249 -30.97 -1.76 0.15
N GLU B 250 -29.82 -2.12 0.69
CA GLU B 250 -29.76 -2.66 2.03
C GLU B 250 -28.34 -2.59 2.56
N ILE B 251 -28.20 -2.16 3.82
CA ILE B 251 -26.90 -2.09 4.47
C ILE B 251 -27.04 -2.84 5.78
N ASP B 252 -26.30 -3.93 5.87
CA ASP B 252 -26.26 -4.76 7.06
C ASP B 252 -27.64 -5.19 7.54
N GLY B 253 -28.44 -5.70 6.62
CA GLY B 253 -29.78 -6.15 6.95
C GLY B 253 -30.81 -5.09 7.30
N LYS B 254 -30.57 -3.87 6.85
CA LYS B 254 -31.47 -2.72 7.06
C LYS B 254 -31.69 -2.12 5.70
N LEU B 255 -32.97 -2.11 5.31
CA LEU B 255 -33.41 -1.61 4.01
C LEU B 255 -33.34 -0.13 3.94
N ILE B 256 -32.91 0.34 2.78
CA ILE B 256 -32.85 1.76 2.54
C ILE B 256 -34.29 1.97 2.04
N ARG B 257 -35.10 2.63 2.87
CA ARG B 257 -36.51 2.91 2.60
C ARG B 257 -37.26 1.58 2.42
N ASP B 258 -37.81 1.29 1.26
CA ASP B 258 -38.53 0.03 1.07
C ASP B 258 -37.69 -1.10 0.45
N GLY B 259 -36.40 -0.86 0.20
CA GLY B 259 -35.56 -1.90 -0.37
C GLY B 259 -35.70 -1.99 -1.88
N LYS B 260 -36.21 -0.93 -2.50
CA LYS B 260 -36.39 -0.88 -3.94
C LYS B 260 -35.55 0.25 -4.50
N VAL B 261 -35.24 0.18 -5.79
CA VAL B 261 -34.45 1.24 -6.43
C VAL B 261 -35.33 2.48 -6.50
N GLY B 262 -34.78 3.62 -6.10
CA GLY B 262 -35.55 4.85 -6.10
C GLY B 262 -35.70 5.54 -7.44
N GLU B 263 -36.64 6.48 -7.50
CA GLU B 263 -36.95 7.23 -8.70
C GLU B 263 -35.80 8.09 -9.22
N TRP B 264 -35.06 8.71 -8.30
CA TRP B 264 -33.94 9.56 -8.71
C TRP B 264 -32.75 8.76 -9.20
N THR B 265 -32.57 7.57 -8.65
CA THR B 265 -31.45 6.69 -9.04
C THR B 265 -31.74 6.30 -10.51
N ARG B 266 -32.99 5.91 -10.76
CA ARG B 266 -33.45 5.53 -12.09
C ARG B 266 -33.27 6.69 -13.07
N LYS B 267 -33.65 7.89 -12.66
CA LYS B 267 -33.50 9.03 -13.54
C LYS B 267 -32.02 9.23 -13.86
N LEU B 268 -31.19 9.23 -12.83
CA LEU B 268 -29.75 9.40 -12.99
C LEU B 268 -29.14 8.33 -13.90
N GLN B 269 -29.69 7.13 -13.83
CA GLN B 269 -29.25 6.03 -14.67
C GLN B 269 -29.64 6.30 -16.12
N LYS B 270 -30.85 6.77 -16.36
CA LYS B 270 -31.30 7.06 -17.71
C LYS B 270 -30.45 8.16 -18.31
N GLN B 271 -30.10 9.16 -17.51
CA GLN B 271 -29.27 10.26 -18.01
C GLN B 271 -27.83 9.81 -18.28
N PHE B 272 -27.34 8.87 -17.48
CA PHE B 272 -26.00 8.33 -17.61
C PHE B 272 -25.88 7.56 -18.94
N GLU B 273 -26.96 6.85 -19.26
CA GLU B 273 -27.07 6.05 -20.47
C GLU B 273 -26.90 6.85 -21.77
N THR B 274 -27.29 8.11 -21.78
CA THR B 274 -27.13 8.94 -22.98
C THR B 274 -25.67 9.31 -23.25
N LYS B 275 -24.80 9.05 -22.28
CA LYS B 275 -23.38 9.38 -22.41
C LYS B 275 -22.52 8.22 -22.88
N ILE B 276 -23.06 7.02 -22.75
CA ILE B 276 -22.35 5.82 -23.18
C ILE B 276 -22.20 5.84 -24.71
N PRO B 277 -21.00 5.50 -25.22
CA PRO B 277 -20.73 5.48 -26.67
C PRO B 277 -21.56 4.44 -27.41
N LYS B 278 -22.24 4.88 -28.47
CA LYS B 278 -23.10 4.01 -29.29
C LYS B 278 -23.14 4.53 -30.73
N PRO B 279 -23.54 3.68 -31.69
CA PRO B 279 -23.60 4.13 -33.08
C PRO B 279 -24.71 5.18 -33.25
N LEU B 280 -25.43 5.11 -34.38
CA LEU B 280 -26.54 6.04 -34.67
C LEU B 280 -27.72 5.34 -35.38
N HIS B 281 -27.49 4.13 -35.84
CA HIS B 281 -28.50 3.38 -36.58
C HIS B 281 -28.44 1.88 -36.32
N ILE B 282 -27.25 1.36 -36.05
CA ILE B 282 -27.08 -0.07 -35.77
C ILE B 282 -27.94 -0.37 -34.54
N1 PMP C . 9.44 0.08 11.76
C2 PMP C . 9.15 0.03 10.42
C2A PMP C . 7.95 0.83 9.87
C3 PMP C . 9.97 -0.68 9.54
O3 PMP C . 9.68 -0.75 8.20
C4 PMP C . 11.08 -1.37 10.03
C4A PMP C . 12.02 -2.19 9.07
N4A PMP C . 11.44 -2.71 7.94
C5 PMP C . 11.37 -1.29 11.39
C6 PMP C . 10.54 -0.58 12.25
C5A PMP C . 12.65 -1.95 11.92
O4P PMP C . 12.48 -3.10 12.72
P PMP C . 13.32 -4.38 12.47
O1P PMP C . 12.47 -5.51 12.82
O2P PMP C . 14.40 -4.38 13.58
O3P PMP C . 14.01 -4.29 11.17
N1 PMP D . -12.71 4.89 -5.12
C2 PMP D . -11.69 3.95 -5.14
C2A PMP D . -10.88 3.73 -3.86
C3 PMP D . -11.42 3.24 -6.30
O3 PMP D . -10.42 2.28 -6.33
C4 PMP D . -12.16 3.47 -7.43
C4A PMP D . -11.80 2.71 -8.75
N4A PMP D . -12.67 1.74 -9.16
C5 PMP D . -13.20 4.40 -7.41
C6 PMP D . -13.47 5.11 -6.25
C5A PMP D . -14.11 4.59 -8.61
O4P PMP D . -13.60 5.62 -9.43
P PMP D . -13.89 5.53 -10.95
O1P PMP D . -13.02 6.48 -11.59
O2P PMP D . -15.34 6.11 -11.03
O3P PMP D . -13.89 4.12 -11.38
#